data_3Q3Z
#
_entry.id   3Q3Z
#
_cell.length_a   38.644
_cell.length_b   70.285
_cell.length_c   86.037
_cell.angle_alpha   90.00
_cell.angle_beta   98.86
_cell.angle_gamma   90.00
#
_symmetry.space_group_name_H-M   'P 1 21 1'
#
loop_
_entity.id
_entity.type
_entity.pdbx_description
1 polymer 'c-di-GMP-II riboswitch'
2 non-polymer "9,9'-[(2R,3R,3aS,5S,7aR,9R,10R,10aS,12S,14aR)-3,5,10,12-tetrahydroxy-5,12-dioxidooctahydro-2H,7H-difuro[3,2-d:3',2'-j][1,3,7,9,2,8]tetraoxadiphosphacyclododecine-2,9-diyl]bis(2-amino-1,9-dihydro-6H-purin-6-one)"
3 non-polymer 'MAGNESIUM ION'
4 water water
#
_entity_poly.entity_id   1
_entity_poly.type   'polyribonucleotide'
_entity_poly.pdbx_seq_one_letter_code
;(GTP)CGCGGAAACAAUGAUGAAUGGGUUUAAAUUGGGCACUUGACUCAUUUUGAGUUAGUAGUGCAACCGACCGUGCU
;
_entity_poly.pdbx_strand_id   V,A
#